data_5K8C
#
_entry.id   5K8C
#
_cell.length_a   107.594
_cell.length_b   107.594
_cell.length_c   149.861
_cell.angle_alpha   90.00
_cell.angle_beta   90.00
_cell.angle_gamma   120.00
#
_symmetry.space_group_name_H-M   'P 63 2 2'
#
loop_
_entity.id
_entity.type
_entity.pdbx_description
1 polymer '3-deoxy-alpha-D-manno-octulosonate 8-oxidase'
2 non-polymer NICOTINAMIDE-ADENINE-DINUCLEOTIDE
3 non-polymer 'PHOSPHATE ION'
4 non-polymer 'CHLORIDE ION'
5 non-polymer 1,2-ETHANEDIOL
6 non-polymer 'ZINC ION'
7 water water
#
_entity_poly.entity_id   1
_entity_poly.type   'polypeptide(L)'
_entity_poly.pdbx_seq_one_letter_code
;GHMSFKNFKVVEKMIFGRGSFVQLDDVLAAQRKADDDFVVFLVDDVHQGKPLEARIPVKAQDLLIWVNVDEEPSTIQIDA
LTEQVQAFNGKLPVSVVGLGGGSTMDVAKAVSLMLTNPGGSAMYQGWDLIKKPAVHHIGIPTISGTGAEASRTAVLCGPV
RKLGLNSDYTVFDQIIMDSELIDGVETDQWFYTGMDCYIHCVESLEGTFLNEFSKAYAEKAMDLCRQVYLEDHPEKDDKL
MMASFMGGMSIAYSQVGACHAVSYGLSYILGYHHGIGNCIAFDVLEEFYPEGVAEFRLMMKKHNITLPKNICKDLPDETI
AKMVAVTKSMGPLWANVYGPTWEEKVTDEMLTALFRRI
;
_entity_poly.pdbx_strand_id   A
#
# COMPACT_ATOMS: atom_id res chain seq x y z
N GLY A 1 8.11 3.77 -35.47
CA GLY A 1 7.71 3.83 -34.04
C GLY A 1 8.23 5.05 -33.31
N HIS A 2 7.76 5.26 -32.09
CA HIS A 2 8.29 6.33 -31.26
C HIS A 2 8.35 5.76 -29.87
N MET A 3 9.04 6.45 -28.96
CA MET A 3 9.00 6.01 -27.55
C MET A 3 7.67 6.42 -26.97
N SER A 4 7.15 5.66 -26.00
CA SER A 4 5.98 6.17 -25.27
C SER A 4 6.18 6.40 -23.80
N PHE A 5 5.67 7.50 -23.26
CA PHE A 5 5.64 7.64 -21.81
C PHE A 5 4.32 6.99 -21.44
N LYS A 6 4.27 6.54 -20.21
CA LYS A 6 3.08 6.06 -19.59
C LYS A 6 1.99 7.15 -19.61
N ASN A 7 0.80 6.69 -19.99
CA ASN A 7 -0.44 7.47 -19.90
C ASN A 7 -1.05 7.08 -18.56
N PHE A 8 -0.89 7.95 -17.58
CA PHE A 8 -1.13 7.64 -16.17
C PHE A 8 -2.64 7.86 -15.87
N LYS A 9 -3.33 6.85 -15.33
CA LYS A 9 -4.74 6.88 -14.98
CA LYS A 9 -4.75 6.89 -14.99
C LYS A 9 -4.85 7.08 -13.48
N VAL A 10 -5.59 8.10 -13.06
CA VAL A 10 -5.70 8.46 -11.66
C VAL A 10 -7.12 8.21 -11.20
N VAL A 11 -7.28 8.18 -9.89
CA VAL A 11 -8.60 8.13 -9.27
C VAL A 11 -9.40 9.34 -9.74
N GLU A 12 -10.55 9.06 -10.31
CA GLU A 12 -11.24 10.17 -10.99
C GLU A 12 -11.97 11.13 -10.03
N LYS A 13 -12.47 10.60 -8.91
CA LYS A 13 -13.23 11.39 -7.97
C LYS A 13 -12.74 11.21 -6.56
N MET A 14 -12.65 12.32 -5.86
CA MET A 14 -12.15 12.32 -4.50
C MET A 14 -12.77 13.39 -3.62
N ILE A 15 -12.98 12.99 -2.38
CA ILE A 15 -13.43 13.88 -1.32
C ILE A 15 -12.30 13.90 -0.32
N PHE A 16 -11.80 15.09 -0.01
CA PHE A 16 -10.96 15.29 1.12
C PHE A 16 -11.63 16.15 2.17
N GLY A 17 -11.68 15.67 3.41
CA GLY A 17 -12.09 16.54 4.50
C GLY A 17 -12.49 15.78 5.73
N ARG A 18 -12.12 16.32 6.88
CA ARG A 18 -12.50 15.68 8.14
C ARG A 18 -14.00 15.64 8.33
N GLY A 19 -14.53 14.49 8.68
CA GLY A 19 -15.96 14.23 8.69
C GLY A 19 -16.61 13.71 7.42
N SER A 20 -15.87 13.69 6.31
CA SER A 20 -16.45 13.33 5.01
C SER A 20 -16.93 11.90 4.86
N PHE A 21 -16.56 11.03 5.79
CA PHE A 21 -17.14 9.69 5.83
C PHE A 21 -18.67 9.74 5.80
N VAL A 22 -19.26 10.77 6.39
CA VAL A 22 -20.72 10.88 6.39
C VAL A 22 -21.27 10.91 4.96
N GLN A 23 -20.46 11.26 3.97
CA GLN A 23 -20.89 11.38 2.58
C GLN A 23 -20.90 10.04 1.85
N LEU A 24 -20.26 9.02 2.42
CA LEU A 24 -20.24 7.72 1.74
C LEU A 24 -21.64 7.26 1.35
N ASP A 25 -22.62 7.39 2.25
CA ASP A 25 -23.95 6.88 1.93
C ASP A 25 -24.55 7.54 0.68
N ASP A 26 -24.29 8.82 0.47
CA ASP A 26 -24.79 9.48 -0.74
C ASP A 26 -24.08 9.04 -2.03
N VAL A 27 -22.80 8.74 -1.89
CA VAL A 27 -22.01 8.31 -3.02
C VAL A 27 -22.53 6.94 -3.39
N LEU A 28 -22.78 6.09 -2.39
CA LEU A 28 -23.38 4.78 -2.64
C LEU A 28 -24.77 4.85 -3.26
N ALA A 29 -25.57 5.79 -2.78
CA ALA A 29 -26.96 5.90 -3.26
C ALA A 29 -26.99 6.13 -4.77
N ALA A 30 -26.06 6.93 -5.26
CA ALA A 30 -25.93 7.19 -6.70
C ALA A 30 -25.63 5.93 -7.53
N GLN A 31 -25.05 4.92 -6.94
CA GLN A 31 -24.84 3.64 -7.63
C GLN A 31 -26.00 2.64 -7.50
N ARG A 32 -26.85 2.82 -6.49
CA ARG A 32 -27.99 1.91 -6.28
C ARG A 32 -29.17 2.28 -7.20
N LYS A 33 -29.18 1.72 -8.40
CA LYS A 33 -30.21 2.04 -9.36
C LYS A 33 -31.55 1.37 -9.01
N ALA A 34 -31.51 0.17 -8.46
CA ALA A 34 -32.69 -0.59 -8.13
C ALA A 34 -32.82 -0.63 -6.61
N ASP A 35 -34.04 -0.79 -6.14
CA ASP A 35 -34.28 -0.88 -4.69
C ASP A 35 -33.36 -1.85 -3.97
N ASP A 36 -33.11 -3.00 -4.62
CA ASP A 36 -32.39 -4.06 -3.94
C ASP A 36 -30.90 -4.13 -4.27
N ASP A 37 -30.37 -3.12 -4.96
CA ASP A 37 -28.95 -3.08 -5.35
C ASP A 37 -28.13 -3.03 -4.09
N PHE A 38 -27.05 -3.80 -4.05
CA PHE A 38 -26.32 -4.01 -2.83
C PHE A 38 -24.86 -3.61 -2.96
N VAL A 39 -24.27 -3.43 -1.80
CA VAL A 39 -22.86 -3.00 -1.70
C VAL A 39 -22.13 -3.99 -0.83
N VAL A 40 -20.86 -4.24 -1.14
CA VAL A 40 -19.95 -5.01 -0.32
C VAL A 40 -19.07 -4.03 0.43
N PHE A 41 -19.10 -4.12 1.74
CA PHE A 41 -18.16 -3.41 2.61
C PHE A 41 -17.11 -4.39 3.09
N LEU A 42 -15.88 -4.19 2.64
CA LEU A 42 -14.70 -4.86 3.17
C LEU A 42 -13.97 -3.94 4.14
N VAL A 43 -14.03 -4.30 5.43
CA VAL A 43 -13.62 -3.43 6.50
C VAL A 43 -12.60 -4.14 7.33
N ASP A 44 -11.49 -3.45 7.59
CA ASP A 44 -10.48 -3.97 8.52
C ASP A 44 -11.13 -4.28 9.88
N ASP A 45 -10.93 -5.53 10.36
CA ASP A 45 -11.61 -5.97 11.60
C ASP A 45 -11.18 -5.22 12.84
N VAL A 46 -10.15 -4.38 12.72
CA VAL A 46 -9.79 -3.47 13.83
C VAL A 46 -10.96 -2.55 14.20
N HIS A 47 -11.85 -2.29 13.24
CA HIS A 47 -12.91 -1.33 13.46
C HIS A 47 -14.11 -1.92 14.17
N GLN A 48 -14.15 -3.25 14.27
CA GLN A 48 -15.20 -3.96 14.96
C GLN A 48 -15.17 -3.56 16.42
N GLY A 49 -16.30 -3.08 16.94
CA GLY A 49 -16.38 -2.58 18.30
C GLY A 49 -15.89 -1.16 18.52
N LYS A 50 -15.46 -0.46 17.48
CA LYS A 50 -14.96 0.90 17.64
CA LYS A 50 -14.96 0.90 17.65
C LYS A 50 -16.04 1.82 17.09
N PRO A 51 -15.93 3.13 17.38
CA PRO A 51 -16.99 4.04 16.96
C PRO A 51 -17.34 3.99 15.48
N LEU A 52 -16.33 3.76 14.64
CA LEU A 52 -16.58 3.72 13.21
C LEU A 52 -17.61 2.65 12.82
N GLU A 53 -17.67 1.52 13.52
CA GLU A 53 -18.57 0.44 13.10
C GLU A 53 -20.03 0.87 12.94
N ALA A 54 -20.52 1.59 13.94
CA ALA A 54 -21.87 2.11 13.95
C ALA A 54 -22.17 3.10 12.84
N ARG A 55 -21.14 3.69 12.25
CA ARG A 55 -21.33 4.72 11.23
C ARG A 55 -21.35 4.16 9.81
N ILE A 56 -20.90 2.94 9.62
CA ILE A 56 -20.80 2.38 8.27
C ILE A 56 -22.25 2.27 7.77
N PRO A 57 -22.54 2.85 6.59
CA PRO A 57 -23.93 2.98 6.15
C PRO A 57 -24.44 1.68 5.52
N VAL A 58 -24.43 0.59 6.29
CA VAL A 58 -24.80 -0.72 5.76
C VAL A 58 -26.31 -0.84 5.69
N LYS A 59 -26.81 -1.22 4.53
CA LYS A 59 -28.26 -1.44 4.32
C LYS A 59 -28.63 -2.90 4.55
N ALA A 60 -29.93 -3.20 4.68
CA ALA A 60 -30.41 -4.59 4.95
C ALA A 60 -29.89 -5.56 3.87
N GLN A 61 -29.77 -5.10 2.64
CA GLN A 61 -29.35 -6.00 1.54
C GLN A 61 -27.82 -6.13 1.39
N ASP A 62 -27.08 -5.33 2.15
CA ASP A 62 -25.65 -5.18 1.92
C ASP A 62 -24.89 -6.32 2.57
N LEU A 63 -23.65 -6.54 2.10
CA LEU A 63 -22.74 -7.51 2.66
C LEU A 63 -21.53 -6.83 3.29
N LEU A 64 -21.46 -6.98 4.60
CA LEU A 64 -20.35 -6.46 5.38
C LEU A 64 -19.41 -7.62 5.71
N ILE A 65 -18.16 -7.52 5.27
CA ILE A 65 -17.14 -8.51 5.59
C ILE A 65 -16.04 -7.90 6.43
N TRP A 66 -15.84 -8.46 7.60
CA TRP A 66 -14.71 -8.06 8.42
C TRP A 66 -13.45 -8.70 7.89
N VAL A 67 -12.48 -7.91 7.46
CA VAL A 67 -11.26 -8.43 6.90
C VAL A 67 -10.22 -8.48 7.99
N ASN A 68 -9.68 -9.66 8.21
CA ASN A 68 -8.58 -9.81 9.16
C ASN A 68 -7.27 -9.65 8.41
N VAL A 69 -6.47 -8.71 8.90
CA VAL A 69 -5.24 -8.36 8.22
C VAL A 69 -4.06 -8.73 9.12
N ASP A 70 -4.27 -9.67 10.04
CA ASP A 70 -3.12 -10.22 10.77
C ASP A 70 -2.02 -10.73 9.85
N GLU A 71 -2.44 -11.26 8.71
CA GLU A 71 -1.57 -11.49 7.58
C GLU A 71 -2.05 -10.63 6.44
N GLU A 72 -1.08 -10.21 5.63
CA GLU A 72 -1.36 -9.35 4.49
C GLU A 72 -2.09 -10.14 3.41
N PRO A 73 -2.72 -9.43 2.45
CA PRO A 73 -3.64 -10.18 1.57
C PRO A 73 -2.99 -11.24 0.67
N SER A 74 -3.74 -12.30 0.37
CA SER A 74 -3.27 -13.39 -0.50
C SER A 74 -4.33 -13.67 -1.54
N THR A 75 -3.88 -14.29 -2.63
CA THR A 75 -4.73 -14.74 -3.73
C THR A 75 -5.81 -15.74 -3.28
N ILE A 76 -5.45 -16.64 -2.38
CA ILE A 76 -6.41 -17.56 -1.80
C ILE A 76 -7.52 -16.77 -1.10
N GLN A 77 -7.14 -15.77 -0.29
CA GLN A 77 -8.11 -14.95 0.43
C GLN A 77 -9.03 -14.19 -0.52
N ILE A 78 -8.40 -13.52 -1.48
CA ILE A 78 -9.18 -12.84 -2.51
C ILE A 78 -10.18 -13.81 -3.13
N ASP A 79 -9.72 -15.02 -3.45
CA ASP A 79 -10.59 -15.93 -4.24
C ASP A 79 -11.76 -16.39 -3.37
N ALA A 80 -11.50 -16.62 -2.08
CA ALA A 80 -12.54 -17.03 -1.11
C ALA A 80 -13.56 -15.89 -0.93
N LEU A 81 -13.05 -14.66 -0.76
CA LEU A 81 -13.94 -13.50 -0.62
C LEU A 81 -14.83 -13.28 -1.85
N THR A 82 -14.27 -13.43 -3.04
CA THR A 82 -15.01 -13.25 -4.28
C THR A 82 -16.12 -14.32 -4.40
N GLU A 83 -15.80 -15.56 -4.07
CA GLU A 83 -16.83 -16.61 -3.99
C GLU A 83 -17.89 -16.34 -2.93
N GLN A 84 -17.50 -15.85 -1.77
CA GLN A 84 -18.49 -15.40 -0.78
C GLN A 84 -19.49 -14.36 -1.31
N VAL A 85 -18.95 -13.35 -2.00
CA VAL A 85 -19.83 -12.35 -2.60
C VAL A 85 -20.75 -13.02 -3.64
N GLN A 86 -20.16 -13.94 -4.41
CA GLN A 86 -20.91 -14.62 -5.46
C GLN A 86 -22.02 -15.52 -4.89
N ALA A 87 -21.75 -16.19 -3.78
CA ALA A 87 -22.76 -17.02 -3.12
C ALA A 87 -23.83 -16.13 -2.44
N PHE A 88 -23.46 -14.92 -2.02
CA PHE A 88 -24.35 -14.03 -1.27
C PHE A 88 -25.52 -13.56 -2.11
N ASN A 89 -25.29 -13.31 -3.38
CA ASN A 89 -26.34 -12.80 -4.22
C ASN A 89 -26.00 -13.09 -5.66
N GLY A 90 -27.04 -13.32 -6.46
CA GLY A 90 -26.89 -13.55 -7.88
C GLY A 90 -26.51 -12.33 -8.70
N LYS A 91 -26.83 -11.14 -8.21
CA LYS A 91 -26.51 -9.89 -8.90
C LYS A 91 -25.11 -9.47 -8.51
N LEU A 92 -24.43 -8.79 -9.42
CA LEU A 92 -23.23 -8.05 -9.03
C LEU A 92 -23.58 -6.96 -7.97
N PRO A 93 -22.74 -6.78 -6.96
CA PRO A 93 -22.90 -5.55 -6.16
C PRO A 93 -22.69 -4.35 -7.05
N VAL A 94 -23.32 -3.23 -6.69
CA VAL A 94 -23.11 -1.99 -7.40
C VAL A 94 -21.88 -1.20 -6.94
N SER A 95 -21.26 -1.57 -5.82
CA SER A 95 -19.96 -0.98 -5.43
C SER A 95 -19.29 -1.90 -4.42
N VAL A 96 -17.96 -1.84 -4.40
CA VAL A 96 -17.18 -2.51 -3.36
C VAL A 96 -16.35 -1.44 -2.60
N VAL A 97 -16.50 -1.43 -1.28
CA VAL A 97 -15.89 -0.37 -0.45
C VAL A 97 -14.74 -1.02 0.28
N GLY A 98 -13.57 -0.43 0.17
CA GLY A 98 -12.49 -0.84 1.07
C GLY A 98 -12.21 0.15 2.17
N LEU A 99 -12.47 -0.23 3.41
CA LEU A 99 -12.39 0.67 4.54
C LEU A 99 -11.33 0.16 5.48
N GLY A 100 -10.13 0.70 5.35
CA GLY A 100 -8.99 0.18 6.06
C GLY A 100 -7.68 0.74 5.60
N GLY A 101 -6.62 0.00 5.87
CA GLY A 101 -5.32 0.39 5.36
C GLY A 101 -5.05 -0.13 3.96
N GLY A 102 -3.77 -0.15 3.62
CA GLY A 102 -3.33 -0.73 2.34
C GLY A 102 -3.83 -2.15 2.10
N SER A 103 -3.77 -3.00 3.12
CA SER A 103 -4.27 -4.36 3.05
C SER A 103 -5.73 -4.44 2.66
N THR A 104 -6.57 -3.73 3.41
CA THR A 104 -8.00 -3.81 3.13
C THR A 104 -8.31 -3.14 1.82
N MET A 105 -7.70 -1.99 1.53
CA MET A 105 -7.99 -1.34 0.29
C MET A 105 -7.61 -2.23 -0.90
N ASP A 106 -6.48 -2.92 -0.78
CA ASP A 106 -6.05 -3.82 -1.83
C ASP A 106 -6.97 -5.01 -1.96
N VAL A 107 -7.50 -5.49 -0.84
CA VAL A 107 -8.52 -6.56 -0.87
C VAL A 107 -9.74 -6.09 -1.64
N ALA A 108 -10.20 -4.88 -1.34
CA ALA A 108 -11.36 -4.34 -2.09
C ALA A 108 -11.11 -4.18 -3.59
N LYS A 109 -9.97 -3.60 -3.95
CA LYS A 109 -9.59 -3.50 -5.38
C LYS A 109 -9.65 -4.90 -6.02
N ALA A 110 -9.03 -5.85 -5.35
CA ALA A 110 -8.91 -7.19 -6.00
C ALA A 110 -10.23 -7.93 -6.09
N VAL A 111 -11.02 -7.87 -5.03
CA VAL A 111 -12.38 -8.41 -5.11
C VAL A 111 -13.18 -7.76 -6.20
N SER A 112 -13.09 -6.43 -6.33
CA SER A 112 -13.93 -5.78 -7.33
C SER A 112 -13.54 -6.21 -8.75
N LEU A 113 -12.27 -6.51 -8.91
CA LEU A 113 -11.71 -7.02 -10.16
C LEU A 113 -12.16 -8.48 -10.44
N MET A 114 -12.07 -9.33 -9.43
CA MET A 114 -12.33 -10.73 -9.62
C MET A 114 -13.81 -10.99 -9.86
N LEU A 115 -14.68 -10.11 -9.37
CA LEU A 115 -16.09 -10.26 -9.63
C LEU A 115 -16.40 -10.16 -11.11
N THR A 116 -15.55 -9.54 -11.93
CA THR A 116 -15.79 -9.45 -13.35
C THR A 116 -14.72 -10.12 -14.24
N ASN A 117 -13.77 -10.83 -13.65
CA ASN A 117 -12.61 -11.39 -14.33
C ASN A 117 -12.39 -12.80 -13.78
N PRO A 118 -12.91 -13.82 -14.47
CA PRO A 118 -12.85 -15.17 -13.89
C PRO A 118 -11.46 -15.79 -13.97
N GLY A 119 -11.22 -16.86 -13.23
CA GLY A 119 -9.97 -17.61 -13.37
C GLY A 119 -9.11 -17.49 -12.15
N GLY A 120 -9.52 -16.72 -11.13
CA GLY A 120 -8.74 -16.62 -9.91
C GLY A 120 -7.72 -15.50 -9.94
N SER A 121 -7.28 -15.01 -8.77
CA SER A 121 -6.48 -13.77 -8.74
C SER A 121 -5.02 -13.98 -9.15
N ALA A 122 -4.47 -15.18 -8.91
CA ALA A 122 -3.08 -15.50 -9.29
C ALA A 122 -2.81 -15.28 -10.77
N MET A 123 -3.79 -15.67 -11.57
CA MET A 123 -3.70 -15.56 -13.00
C MET A 123 -3.51 -14.10 -13.48
N TYR A 124 -3.92 -13.13 -12.66
CA TYR A 124 -3.82 -11.72 -13.05
C TYR A 124 -2.69 -10.97 -12.38
N GLN A 125 -1.88 -11.66 -11.58
CA GLN A 125 -0.69 -11.05 -10.99
C GLN A 125 0.33 -10.78 -12.10
N GLY A 126 0.65 -9.49 -12.31
CA GLY A 126 1.48 -9.04 -13.40
C GLY A 126 1.00 -7.71 -13.92
N TRP A 127 1.24 -7.47 -15.20
CA TRP A 127 1.01 -6.15 -15.78
C TRP A 127 -0.03 -6.19 -16.86
N ASP A 128 -1.16 -5.50 -16.62
CA ASP A 128 -2.18 -5.27 -17.62
C ASP A 128 -2.82 -6.58 -18.11
N LEU A 129 -3.00 -7.51 -17.18
CA LEU A 129 -3.60 -8.82 -17.45
C LEU A 129 -5.12 -8.82 -17.34
N ILE A 130 -5.65 -7.86 -16.58
CA ILE A 130 -7.08 -7.77 -16.34
C ILE A 130 -7.75 -7.47 -17.66
N LYS A 131 -8.80 -8.19 -18.00
CA LYS A 131 -9.46 -8.04 -19.28
C LYS A 131 -10.68 -7.15 -19.20
N LYS A 132 -11.41 -7.17 -18.08
CA LYS A 132 -12.67 -6.44 -17.98
C LYS A 132 -12.65 -5.42 -16.84
N PRO A 133 -13.31 -4.28 -17.01
CA PRO A 133 -13.46 -3.36 -15.89
C PRO A 133 -13.98 -3.97 -14.61
N ALA A 134 -13.43 -3.49 -13.49
CA ALA A 134 -13.88 -3.96 -12.17
C ALA A 134 -15.28 -3.47 -11.83
N VAL A 135 -15.86 -4.03 -10.80
CA VAL A 135 -17.03 -3.42 -10.17
C VAL A 135 -16.53 -2.05 -9.63
N HIS A 136 -17.41 -1.06 -9.76
CA HIS A 136 -17.23 0.23 -9.08
C HIS A 136 -16.64 0.03 -7.69
N HIS A 137 -15.57 0.71 -7.35
CA HIS A 137 -14.93 0.51 -6.05
C HIS A 137 -14.39 1.81 -5.47
N ILE A 138 -14.57 1.85 -4.15
CA ILE A 138 -14.31 3.04 -3.35
C ILE A 138 -13.27 2.75 -2.30
N GLY A 139 -12.24 3.58 -2.24
CA GLY A 139 -11.24 3.45 -1.18
C GLY A 139 -11.31 4.55 -0.12
N ILE A 140 -11.28 4.12 1.14
CA ILE A 140 -11.43 4.93 2.36
C ILE A 140 -10.36 4.50 3.37
N PRO A 141 -9.21 5.20 3.29
CA PRO A 141 -8.12 4.81 4.15
C PRO A 141 -8.37 5.14 5.61
N THR A 142 -8.11 4.19 6.49
CA THR A 142 -8.21 4.41 7.93
C THR A 142 -6.81 4.37 8.57
N ILE A 143 -5.76 4.20 7.81
CA ILE A 143 -4.39 4.47 8.28
C ILE A 143 -3.61 4.92 7.04
N SER A 144 -2.87 5.99 7.22
CA SER A 144 -2.27 6.72 6.12
C SER A 144 -0.80 6.43 5.88
N GLY A 145 -0.49 6.18 4.60
CA GLY A 145 0.94 6.18 4.23
C GLY A 145 1.24 5.35 3.02
N THR A 146 0.50 4.27 2.81
CA THR A 146 0.86 3.40 1.67
C THR A 146 0.64 4.05 0.30
N GLY A 147 -0.25 5.03 0.19
CA GLY A 147 -0.67 5.50 -1.11
C GLY A 147 -1.50 4.51 -1.92
N ALA A 148 -1.95 3.42 -1.32
CA ALA A 148 -2.74 2.44 -2.03
C ALA A 148 -4.11 3.00 -2.48
N GLU A 149 -4.59 4.03 -1.78
CA GLU A 149 -5.82 4.71 -2.22
C GLU A 149 -5.66 5.27 -3.64
N ALA A 150 -4.42 5.62 -3.99
CA ALA A 150 -4.13 6.27 -5.30
C ALA A 150 -3.64 5.36 -6.42
N SER A 151 -3.13 4.17 -6.09
CA SER A 151 -2.34 3.41 -7.04
C SER A 151 -3.14 2.51 -7.95
N ARG A 152 -2.46 1.97 -8.95
CA ARG A 152 -3.01 1.14 -9.98
C ARG A 152 -2.73 -0.31 -9.64
N THR A 153 -2.44 -0.63 -8.38
CA THR A 153 -2.06 -2.00 -8.06
C THR A 153 -2.77 -2.45 -6.77
N ALA A 154 -2.79 -3.78 -6.61
CA ALA A 154 -3.28 -4.41 -5.42
C ALA A 154 -2.31 -5.57 -5.20
N VAL A 155 -1.57 -5.54 -4.08
CA VAL A 155 -0.45 -6.44 -3.79
C VAL A 155 -0.97 -7.65 -2.99
N LEU A 156 -0.84 -8.83 -3.58
CA LEU A 156 -1.33 -10.09 -3.08
C LEU A 156 -0.17 -11.11 -2.99
N CYS A 157 -0.07 -11.81 -1.88
CA CYS A 157 0.78 -12.99 -1.79
C CYS A 157 0.15 -14.15 -2.60
N GLY A 158 0.79 -14.49 -3.71
CA GLY A 158 0.30 -15.53 -4.62
C GLY A 158 0.85 -16.91 -4.27
N PRO A 159 0.74 -17.90 -5.16
CA PRO A 159 1.24 -19.26 -4.91
C PRO A 159 2.73 -19.29 -4.57
N VAL A 160 3.47 -18.33 -5.10
CA VAL A 160 4.87 -18.11 -4.78
C VAL A 160 4.97 -16.95 -3.76
N ARG A 161 4.59 -15.77 -4.22
CA ARG A 161 5.19 -14.50 -3.81
C ARG A 161 4.22 -13.35 -3.88
N LYS A 162 4.56 -12.28 -3.17
CA LYS A 162 3.83 -11.00 -3.26
C LYS A 162 4.08 -10.34 -4.61
N LEU A 163 3.03 -10.23 -5.43
CA LEU A 163 3.00 -9.45 -6.67
C LEU A 163 1.62 -8.82 -6.85
N GLY A 164 1.60 -7.66 -7.50
CA GLY A 164 0.38 -6.89 -7.70
C GLY A 164 -0.43 -7.17 -8.93
N LEU A 165 -1.72 -6.89 -8.83
CA LEU A 165 -2.60 -6.87 -9.96
C LEU A 165 -2.50 -5.44 -10.50
N ASN A 166 -1.52 -5.18 -11.35
CA ASN A 166 -1.33 -3.86 -11.98
C ASN A 166 -2.18 -3.70 -13.21
N SER A 167 -3.03 -2.68 -13.23
CA SER A 167 -3.94 -2.43 -14.33
C SER A 167 -4.60 -1.09 -14.06
N ASP A 168 -4.87 -0.35 -15.13
CA ASP A 168 -5.74 0.82 -15.09
C ASP A 168 -7.11 0.54 -14.48
N TYR A 169 -7.60 -0.67 -14.65
CA TYR A 169 -8.86 -1.10 -14.06
C TYR A 169 -8.81 -1.29 -12.55
N THR A 170 -7.61 -1.43 -11.98
CA THR A 170 -7.46 -1.57 -10.56
C THR A 170 -7.79 -0.29 -9.78
N VAL A 171 -7.58 0.84 -10.43
CA VAL A 171 -7.69 2.14 -9.78
C VAL A 171 -9.07 2.31 -9.18
N PHE A 172 -9.13 2.79 -7.93
CA PHE A 172 -10.42 3.20 -7.34
C PHE A 172 -11.14 4.20 -8.22
N ASP A 173 -12.45 3.99 -8.39
CA ASP A 173 -13.32 4.98 -9.00
C ASP A 173 -13.49 6.24 -8.14
N GLN A 174 -13.41 6.11 -6.81
CA GLN A 174 -13.71 7.12 -5.84
C GLN A 174 -12.84 6.86 -4.62
N ILE A 175 -12.23 7.92 -4.08
CA ILE A 175 -11.65 7.82 -2.75
C ILE A 175 -12.30 8.83 -1.84
N ILE A 176 -12.36 8.49 -0.55
CA ILE A 176 -12.80 9.43 0.46
C ILE A 176 -11.68 9.47 1.48
N MET A 177 -11.09 10.66 1.60
CA MET A 177 -10.01 10.98 2.54
C MET A 177 -10.45 11.83 3.76
N ASP A 178 -10.74 11.13 4.84
CA ASP A 178 -11.32 11.67 6.06
C ASP A 178 -10.36 11.35 7.17
N SER A 179 -9.52 12.30 7.56
CA SER A 179 -8.48 12.00 8.53
C SER A 179 -8.97 11.80 9.96
N GLU A 180 -10.24 12.08 10.23
CA GLU A 180 -10.82 11.68 11.52
C GLU A 180 -10.66 10.18 11.70
N LEU A 181 -10.68 9.46 10.58
CA LEU A 181 -10.61 8.01 10.65
C LEU A 181 -9.26 7.43 11.06
N ILE A 182 -8.21 8.24 11.02
CA ILE A 182 -6.87 7.82 11.38
C ILE A 182 -6.42 8.35 12.72
N ASP A 183 -7.27 9.11 13.42
CA ASP A 183 -6.79 9.83 14.62
C ASP A 183 -6.46 8.89 15.77
N GLY A 184 -7.08 7.71 15.76
CA GLY A 184 -6.88 6.69 16.77
C GLY A 184 -5.78 5.66 16.46
N VAL A 185 -5.07 5.76 15.34
CA VAL A 185 -4.04 4.72 15.07
C VAL A 185 -2.96 4.81 16.17
N GLU A 186 -2.46 3.65 16.57
CA GLU A 186 -1.50 3.60 17.69
C GLU A 186 -0.14 4.11 17.22
N THR A 187 0.66 4.65 18.12
CA THR A 187 1.92 5.30 17.76
C THR A 187 2.83 4.45 16.88
N ASP A 188 3.12 3.23 17.27
CA ASP A 188 4.07 2.46 16.48
C ASP A 188 3.57 2.23 15.06
N GLN A 189 2.33 1.78 14.87
CA GLN A 189 1.84 1.45 13.52
C GLN A 189 1.66 2.75 12.73
N TRP A 190 1.33 3.84 13.43
CA TRP A 190 1.25 5.13 12.75
C TRP A 190 2.59 5.49 12.10
N PHE A 191 3.63 5.21 12.86
CA PHE A 191 5.00 5.43 12.46
C PHE A 191 5.38 4.48 11.32
N TYR A 192 5.13 3.17 11.48
CA TYR A 192 5.50 2.19 10.47
C TYR A 192 4.85 2.53 9.13
N THR A 193 3.52 2.72 9.13
CA THR A 193 2.84 2.99 7.89
C THR A 193 3.17 4.38 7.28
N GLY A 194 3.33 5.41 8.11
CA GLY A 194 3.72 6.69 7.55
C GLY A 194 5.15 6.66 7.02
N MET A 195 6.02 5.88 7.66
CA MET A 195 7.36 5.70 7.11
C MET A 195 7.31 4.98 5.78
N ASP A 196 6.27 4.19 5.48
CA ASP A 196 6.17 3.66 4.13
C ASP A 196 6.20 4.79 3.09
N CYS A 197 5.52 5.88 3.40
CA CYS A 197 5.49 7.03 2.53
C CYS A 197 6.86 7.69 2.45
N TYR A 198 7.38 8.05 3.60
CA TYR A 198 8.62 8.80 3.70
C TYR A 198 9.77 8.05 3.02
N ILE A 199 9.89 6.76 3.35
CA ILE A 199 11.00 5.96 2.84
C ILE A 199 10.89 5.83 1.32
N HIS A 200 9.68 5.57 0.85
CA HIS A 200 9.39 5.54 -0.59
C HIS A 200 9.83 6.84 -1.26
N CYS A 201 9.51 7.99 -0.66
CA CYS A 201 9.97 9.27 -1.17
C CYS A 201 11.51 9.32 -1.28
N VAL A 202 12.18 8.95 -0.21
CA VAL A 202 13.65 9.00 -0.19
C VAL A 202 14.17 8.11 -1.30
N GLU A 203 13.66 6.88 -1.38
CA GLU A 203 14.09 6.02 -2.45
C GLU A 203 13.87 6.60 -3.84
N SER A 204 12.67 7.10 -4.06
CA SER A 204 12.32 7.57 -5.40
C SER A 204 13.20 8.76 -5.79
N LEU A 205 13.44 9.63 -4.82
CA LEU A 205 14.09 10.91 -5.12
C LEU A 205 15.60 10.68 -5.40
N GLU A 206 16.12 9.53 -4.98
CA GLU A 206 17.50 9.21 -5.35
C GLU A 206 17.61 8.36 -6.60
N GLY A 207 16.52 8.04 -7.26
CA GLY A 207 16.52 7.08 -8.33
C GLY A 207 17.03 7.63 -9.63
N THR A 208 17.48 6.71 -10.48
CA THR A 208 17.82 7.03 -11.85
C THR A 208 16.57 7.17 -12.68
N PHE A 209 15.43 6.62 -12.28
CA PHE A 209 14.18 6.79 -13.05
C PHE A 209 13.30 7.79 -12.29
N LEU A 210 13.27 9.05 -12.77
CA LEU A 210 12.56 10.11 -12.05
C LEU A 210 12.33 11.27 -12.99
N ASN A 211 11.11 11.79 -12.98
CA ASN A 211 10.89 13.03 -13.72
C ASN A 211 10.35 14.09 -12.76
N GLU A 212 10.09 15.30 -13.26
CA GLU A 212 9.75 16.35 -12.33
C GLU A 212 8.34 16.22 -11.76
N PHE A 213 7.46 15.53 -12.48
CA PHE A 213 6.11 15.17 -12.00
C PHE A 213 6.24 14.36 -10.72
N SER A 214 6.95 13.25 -10.84
CA SER A 214 7.11 12.42 -9.66
C SER A 214 7.94 13.07 -8.59
N LYS A 215 8.95 13.85 -9.01
CA LYS A 215 9.83 14.51 -8.06
CA LYS A 215 9.84 14.53 -8.06
C LYS A 215 9.04 15.52 -7.20
N ALA A 216 8.14 16.25 -7.83
CA ALA A 216 7.44 17.25 -7.06
C ALA A 216 6.49 16.58 -6.10
N TYR A 217 5.76 15.56 -6.54
CA TYR A 217 4.93 14.82 -5.57
C TYR A 217 5.72 14.19 -4.41
N ALA A 218 6.84 13.54 -4.72
CA ALA A 218 7.67 12.92 -3.70
C ALA A 218 8.28 13.91 -2.73
N GLU A 219 8.74 15.04 -3.26
CA GLU A 219 9.30 16.09 -2.39
C GLU A 219 8.27 16.61 -1.37
N LYS A 220 7.05 16.82 -1.87
CA LYS A 220 6.05 17.46 -1.05
C LYS A 220 5.53 16.44 -0.07
N ALA A 221 5.38 15.19 -0.48
CA ALA A 221 5.00 14.25 0.55
C ALA A 221 6.03 14.02 1.64
N MET A 222 7.30 14.13 1.26
CA MET A 222 8.41 13.99 2.21
C MET A 222 8.36 15.19 3.14
N ASP A 223 8.04 16.36 2.60
CA ASP A 223 7.94 17.58 3.39
C ASP A 223 6.83 17.40 4.43
N LEU A 224 5.70 16.87 4.00
CA LEU A 224 4.56 16.60 4.87
C LEU A 224 4.92 15.59 5.93
N CYS A 225 5.60 14.52 5.53
CA CYS A 225 6.13 13.59 6.53
C CYS A 225 7.03 14.23 7.61
N ARG A 226 7.91 15.13 7.21
CA ARG A 226 8.75 15.84 8.16
C ARG A 226 7.89 16.68 9.12
N GLN A 227 6.87 17.36 8.59
CA GLN A 227 5.98 18.10 9.45
C GLN A 227 5.24 17.21 10.48
N VAL A 228 4.84 16.01 10.07
CA VAL A 228 4.18 15.08 10.94
C VAL A 228 5.11 14.42 11.98
N TYR A 229 6.29 13.98 11.57
CA TYR A 229 7.16 13.16 12.42
C TYR A 229 8.27 13.94 13.15
N LEU A 230 8.55 15.17 12.73
CA LEU A 230 9.51 16.00 13.43
C LEU A 230 8.93 17.27 14.05
N GLU A 231 7.73 17.69 13.64
CA GLU A 231 7.11 18.90 14.18
C GLU A 231 5.78 18.53 14.84
N ASP A 232 4.97 19.53 15.19
CA ASP A 232 3.78 19.23 15.97
C ASP A 232 2.71 20.20 15.55
N HIS A 233 2.01 19.86 14.48
CA HIS A 233 1.02 20.74 13.86
C HIS A 233 -0.36 20.21 14.28
N PRO A 234 -1.32 21.09 14.57
CA PRO A 234 -2.67 20.68 14.88
C PRO A 234 -3.30 19.85 13.75
N GLU A 235 -2.92 20.10 12.52
CA GLU A 235 -3.46 19.36 11.37
C GLU A 235 -2.68 18.10 10.96
N LYS A 236 -2.00 17.50 11.92
CA LYS A 236 -1.09 16.40 11.64
C LYS A 236 -1.71 15.21 10.91
N ASP A 237 -2.94 14.86 11.25
CA ASP A 237 -3.63 13.80 10.55
C ASP A 237 -4.04 14.17 9.11
N ASP A 238 -4.56 15.35 8.88
CA ASP A 238 -4.77 15.80 7.51
C ASP A 238 -3.45 15.85 6.72
N LYS A 239 -2.37 16.31 7.34
CA LYS A 239 -1.08 16.36 6.66
C LYS A 239 -0.59 14.95 6.27
N LEU A 240 -0.71 14.00 7.17
CA LEU A 240 -0.24 12.67 6.86
C LEU A 240 -1.14 12.07 5.77
N MET A 241 -2.45 12.30 5.80
CA MET A 241 -3.33 11.71 4.78
C MET A 241 -2.95 12.28 3.41
N MET A 242 -2.65 13.58 3.40
CA MET A 242 -2.23 14.24 2.18
C MET A 242 -0.88 13.70 1.70
N ALA A 243 0.09 13.55 2.60
CA ALA A 243 1.36 12.93 2.22
C ALA A 243 1.16 11.60 1.52
N SER A 244 0.26 10.78 2.06
CA SER A 244 0.01 9.42 1.60
C SER A 244 -0.45 9.48 0.18
N PHE A 245 -1.44 10.34 -0.04
CA PHE A 245 -1.99 10.63 -1.33
C PHE A 245 -0.98 11.06 -2.37
N MET A 246 -0.19 12.03 -2.01
CA MET A 246 0.86 12.54 -2.88
C MET A 246 1.91 11.50 -3.19
N GLY A 247 2.30 10.71 -2.20
CA GLY A 247 3.16 9.54 -2.44
C GLY A 247 2.64 8.63 -3.53
N GLY A 248 1.34 8.28 -3.43
CA GLY A 248 0.68 7.43 -4.42
C GLY A 248 0.75 8.05 -5.79
N MET A 249 0.49 9.37 -5.85
CA MET A 249 0.57 10.09 -7.12
C MET A 249 1.97 10.02 -7.78
N SER A 250 3.00 9.94 -6.94
CA SER A 250 4.39 9.96 -7.40
C SER A 250 4.87 8.67 -8.09
N ILE A 251 4.08 7.61 -8.00
CA ILE A 251 4.49 6.29 -8.37
C ILE A 251 4.68 6.22 -9.88
N ALA A 252 3.85 6.94 -10.62
CA ALA A 252 3.80 6.94 -12.08
C ALA A 252 5.15 7.01 -12.79
N TYR A 253 5.95 7.99 -12.42
CA TYR A 253 7.18 8.21 -13.12
C TYR A 253 8.36 8.06 -12.19
N SER A 254 8.26 7.12 -11.25
CA SER A 254 9.39 6.87 -10.34
C SER A 254 9.38 5.37 -10.02
N GLN A 255 10.27 5.01 -9.11
CA GLN A 255 10.47 3.64 -8.65
C GLN A 255 11.03 3.65 -7.22
N VAL A 256 10.87 2.53 -6.53
CA VAL A 256 11.47 2.33 -5.22
C VAL A 256 12.92 1.86 -5.44
N GLY A 257 13.55 1.46 -4.35
CA GLY A 257 14.97 1.16 -4.39
C GLY A 257 15.36 0.07 -3.41
N ALA A 258 16.44 0.35 -2.71
CA ALA A 258 17.12 -0.67 -1.90
C ALA A 258 16.31 -1.06 -0.66
N CYS A 259 15.62 -0.11 -0.04
CA CYS A 259 14.78 -0.44 1.13
C CYS A 259 13.64 -1.38 0.79
N HIS A 260 12.85 -1.02 -0.19
CA HIS A 260 11.85 -1.97 -0.63
C HIS A 260 12.38 -3.33 -1.10
N ALA A 261 13.51 -3.31 -1.78
CA ALA A 261 14.02 -4.59 -2.27
C ALA A 261 14.43 -5.49 -1.09
N VAL A 262 15.12 -4.93 -0.10
CA VAL A 262 15.49 -5.68 1.11
C VAL A 262 14.29 -6.16 1.94
N SER A 263 13.38 -5.21 2.19
CA SER A 263 12.14 -5.36 2.90
C SER A 263 11.34 -6.49 2.29
N TYR A 264 11.38 -6.58 0.96
CA TYR A 264 10.66 -7.65 0.30
C TYR A 264 11.18 -9.06 0.67
N GLY A 265 12.49 -9.23 0.81
CA GLY A 265 13.04 -10.49 1.35
C GLY A 265 12.54 -10.77 2.74
N LEU A 266 12.54 -9.76 3.62
CA LEU A 266 12.03 -9.95 4.97
C LEU A 266 10.57 -10.39 5.10
N SER A 267 9.74 -9.77 4.26
CA SER A 267 8.32 -10.05 4.21
C SER A 267 8.08 -11.44 3.65
N TYR A 268 8.65 -11.74 2.49
CA TYR A 268 8.44 -13.03 1.88
C TYR A 268 8.97 -14.25 2.65
N ILE A 269 10.14 -14.16 3.28
CA ILE A 269 10.71 -15.27 4.00
C ILE A 269 10.32 -15.24 5.48
N LEU A 270 10.30 -14.09 6.11
CA LEU A 270 10.06 -14.07 7.54
C LEU A 270 8.66 -13.56 7.92
N GLY A 271 7.84 -13.24 6.92
CA GLY A 271 6.48 -12.75 7.18
C GLY A 271 6.35 -11.39 7.83
N TYR A 272 7.36 -10.53 7.76
CA TYR A 272 7.28 -9.18 8.34
C TYR A 272 6.26 -8.39 7.50
N HIS A 273 5.46 -7.58 8.20
CA HIS A 273 4.51 -6.71 7.51
C HIS A 273 5.28 -5.60 6.78
N HIS A 274 4.58 -5.03 5.82
CA HIS A 274 5.18 -4.14 4.86
C HIS A 274 5.77 -2.90 5.53
N GLY A 275 4.99 -2.18 6.34
CA GLY A 275 5.49 -0.98 6.96
C GLY A 275 6.66 -1.18 7.93
N ILE A 276 6.49 -2.08 8.89
CA ILE A 276 7.53 -2.33 9.87
C ILE A 276 8.77 -2.84 9.15
N GLY A 277 8.57 -3.67 8.13
CA GLY A 277 9.65 -4.29 7.39
C GLY A 277 10.52 -3.27 6.69
N ASN A 278 9.88 -2.29 6.06
CA ASN A 278 10.66 -1.22 5.47
C ASN A 278 11.43 -0.42 6.50
N CYS A 279 10.88 -0.17 7.69
CA CYS A 279 11.58 0.55 8.74
C CYS A 279 12.81 -0.24 9.22
N ILE A 280 12.63 -1.56 9.30
CA ILE A 280 13.67 -2.45 9.77
C ILE A 280 14.83 -2.44 8.79
N ALA A 281 14.49 -2.59 7.52
CA ALA A 281 15.46 -2.51 6.47
C ALA A 281 16.13 -1.18 6.36
N PHE A 282 15.36 -0.11 6.43
CA PHE A 282 15.95 1.24 6.23
C PHE A 282 17.07 1.56 7.23
N ASP A 283 16.93 1.03 8.45
CA ASP A 283 17.89 1.30 9.50
C ASP A 283 19.26 0.66 9.24
N VAL A 284 19.42 -0.19 8.23
CA VAL A 284 20.77 -0.70 7.87
C VAL A 284 21.27 -0.15 6.54
N LEU A 285 20.60 0.91 6.06
CA LEU A 285 20.83 1.39 4.71
C LEU A 285 21.42 2.77 4.72
N GLU A 286 22.07 3.14 5.81
CA GLU A 286 22.78 4.43 5.87
C GLU A 286 23.78 4.70 4.73
N GLU A 287 24.43 3.69 4.18
CA GLU A 287 25.30 3.90 3.01
C GLU A 287 24.53 4.21 1.74
N PHE A 288 23.29 3.75 1.61
CA PHE A 288 22.47 4.08 0.43
C PHE A 288 21.79 5.43 0.58
N TYR A 289 21.28 5.75 1.77
CA TYR A 289 20.45 6.93 1.96
C TYR A 289 20.86 7.64 3.22
N PRO A 290 22.08 8.21 3.25
CA PRO A 290 22.59 8.69 4.55
C PRO A 290 21.73 9.75 5.19
N GLU A 291 21.24 10.71 4.42
CA GLU A 291 20.46 11.79 5.04
C GLU A 291 19.10 11.31 5.53
N GLY A 292 18.43 10.51 4.70
CA GLY A 292 17.12 9.98 5.06
C GLY A 292 17.17 9.08 6.27
N VAL A 293 18.19 8.24 6.37
CA VAL A 293 18.32 7.38 7.51
C VAL A 293 18.60 8.20 8.75
N ALA A 294 19.40 9.26 8.67
CA ALA A 294 19.69 10.05 9.86
C ALA A 294 18.42 10.72 10.36
N GLU A 295 17.70 11.33 9.44
CA GLU A 295 16.42 11.96 9.78
C GLU A 295 15.38 10.95 10.32
N PHE A 296 15.24 9.82 9.64
CA PHE A 296 14.38 8.73 10.14
C PHE A 296 14.72 8.39 11.58
N ARG A 297 16.02 8.35 11.90
CA ARG A 297 16.41 8.01 13.25
C ARG A 297 16.06 9.09 14.26
N LEU A 298 16.12 10.35 13.88
CA LEU A 298 15.61 11.40 14.80
C LEU A 298 14.10 11.33 14.95
N MET A 299 13.42 10.95 13.88
CA MET A 299 12.00 10.75 13.97
C MET A 299 11.66 9.66 14.95
N MET A 300 12.40 8.55 14.89
CA MET A 300 12.17 7.47 15.83
C MET A 300 12.39 7.88 17.30
N LYS A 301 13.45 8.65 17.53
CA LYS A 301 13.71 9.13 18.88
C LYS A 301 12.62 10.08 19.36
N LYS A 302 12.24 11.02 18.52
CA LYS A 302 11.12 11.89 18.84
C LYS A 302 9.87 11.13 19.28
N HIS A 303 9.58 9.97 18.72
CA HIS A 303 8.37 9.22 19.03
C HIS A 303 8.55 7.94 19.81
N ASN A 304 9.72 7.75 20.41
CA ASN A 304 10.03 6.58 21.23
C ASN A 304 9.78 5.30 20.50
N ILE A 305 10.18 5.26 19.24
CA ILE A 305 10.03 4.08 18.41
C ILE A 305 11.28 3.22 18.66
N THR A 306 11.09 1.96 18.97
CA THR A 306 12.19 0.98 19.08
C THR A 306 11.91 -0.11 18.07
N LEU A 307 12.86 -0.35 17.19
CA LEU A 307 12.70 -1.35 16.17
C LEU A 307 13.21 -2.64 16.76
N PRO A 308 12.61 -3.77 16.41
CA PRO A 308 13.24 -5.04 16.79
C PRO A 308 14.63 -5.16 16.13
N LYS A 309 15.57 -5.73 16.88
CA LYS A 309 16.95 -5.86 16.47
C LYS A 309 17.36 -7.33 16.52
N ASN A 310 18.50 -7.71 15.95
CA ASN A 310 18.96 -9.10 15.92
C ASN A 310 18.03 -10.12 15.38
N ILE A 311 17.21 -9.67 14.43
CA ILE A 311 16.25 -10.57 13.84
C ILE A 311 16.95 -11.70 13.12
N CYS A 312 18.02 -11.38 12.39
CA CYS A 312 18.62 -12.37 11.50
C CYS A 312 19.93 -12.96 12.00
N LYS A 313 20.34 -12.57 13.21
CA LYS A 313 21.66 -12.92 13.75
C LYS A 313 21.91 -14.44 13.67
N ASP A 314 20.91 -15.25 14.02
CA ASP A 314 21.07 -16.68 14.24
C ASP A 314 20.39 -17.52 13.21
N LEU A 315 19.74 -16.89 12.23
CA LEU A 315 19.12 -17.67 11.21
C LEU A 315 20.12 -18.56 10.48
N PRO A 316 19.67 -19.73 10.02
CA PRO A 316 20.43 -20.60 9.13
C PRO A 316 20.85 -19.82 7.89
N ASP A 317 22.08 -20.13 7.49
CA ASP A 317 22.65 -19.60 6.28
C ASP A 317 21.65 -19.72 5.16
N GLU A 318 20.98 -20.87 5.06
CA GLU A 318 20.05 -21.10 3.96
C GLU A 318 18.87 -20.12 3.88
N THR A 319 18.45 -19.66 5.06
CA THR A 319 17.28 -18.78 5.13
C THR A 319 17.73 -17.37 4.71
N ILE A 320 18.90 -16.96 5.20
CA ILE A 320 19.52 -15.75 4.61
C ILE A 320 19.60 -15.83 3.09
N ALA A 321 20.10 -16.95 2.57
CA ALA A 321 20.29 -17.06 1.12
C ALA A 321 18.98 -16.90 0.32
N LYS A 322 17.88 -17.35 0.91
CA LYS A 322 16.57 -17.19 0.25
C LYS A 322 16.15 -15.72 0.16
N MET A 323 16.32 -14.97 1.25
CA MET A 323 16.07 -13.54 1.24
C MET A 323 16.97 -12.80 0.25
N VAL A 324 18.27 -13.14 0.30
CA VAL A 324 19.25 -12.62 -0.65
C VAL A 324 18.80 -12.85 -2.09
N ALA A 325 18.36 -14.07 -2.44
CA ALA A 325 18.00 -14.34 -3.83
C ALA A 325 16.75 -13.56 -4.26
N VAL A 326 15.76 -13.50 -3.38
CA VAL A 326 14.54 -12.72 -3.66
C VAL A 326 14.93 -11.24 -3.87
N THR A 327 15.62 -10.64 -2.90
CA THR A 327 16.06 -9.26 -3.01
C THR A 327 16.89 -8.98 -4.28
N LYS A 328 17.81 -9.89 -4.58
CA LYS A 328 18.68 -9.69 -5.72
C LYS A 328 17.90 -9.70 -7.02
N SER A 329 16.78 -10.41 -7.06
CA SER A 329 16.01 -10.54 -8.29
C SER A 329 15.25 -9.29 -8.70
N MET A 330 15.19 -8.29 -7.84
CA MET A 330 14.38 -7.08 -8.11
C MET A 330 15.15 -6.08 -8.95
N GLY A 331 15.47 -6.47 -10.18
CA GLY A 331 16.30 -5.68 -11.09
C GLY A 331 15.92 -4.21 -11.23
N PRO A 332 14.64 -3.92 -11.46
CA PRO A 332 14.27 -2.51 -11.71
C PRO A 332 14.52 -1.62 -10.48
N LEU A 333 14.44 -2.19 -9.29
CA LEU A 333 14.75 -1.40 -8.12
C LEU A 333 16.24 -1.13 -8.11
N TRP A 334 17.04 -2.16 -8.37
CA TRP A 334 18.50 -1.99 -8.24
C TRP A 334 19.00 -1.10 -9.36
N ALA A 335 18.38 -1.18 -10.54
CA ALA A 335 18.70 -0.25 -11.61
C ALA A 335 18.34 1.18 -11.20
N ASN A 336 17.27 1.34 -10.42
CA ASN A 336 16.92 2.68 -9.94
C ASN A 336 18.01 3.21 -9.00
N VAL A 337 18.63 2.31 -8.23
CA VAL A 337 19.63 2.75 -7.28
C VAL A 337 20.95 3.05 -8.02
N TYR A 338 21.40 2.15 -8.87
CA TYR A 338 22.76 2.22 -9.40
C TYR A 338 22.88 2.47 -10.89
N GLY A 339 21.80 2.35 -11.66
CA GLY A 339 21.86 2.51 -13.09
C GLY A 339 22.04 1.17 -13.75
N PRO A 340 22.30 1.18 -15.07
CA PRO A 340 22.36 -0.10 -15.76
C PRO A 340 23.52 -1.05 -15.40
N THR A 341 24.57 -0.58 -14.72
CA THR A 341 25.61 -1.50 -14.22
C THR A 341 25.35 -2.10 -12.84
N TRP A 342 24.10 -2.06 -12.37
CA TRP A 342 23.77 -2.53 -11.02
C TRP A 342 24.22 -3.95 -10.66
N GLU A 343 24.11 -4.88 -11.60
CA GLU A 343 24.59 -6.26 -11.38
C GLU A 343 26.01 -6.37 -10.89
N GLU A 344 26.86 -5.41 -11.19
CA GLU A 344 28.19 -5.52 -10.65
C GLU A 344 28.22 -5.11 -9.16
N LYS A 345 27.25 -4.37 -8.61
CA LYS A 345 27.33 -4.01 -7.20
C LYS A 345 26.40 -4.86 -6.34
N VAL A 346 25.35 -5.42 -6.91
CA VAL A 346 24.35 -6.08 -6.11
C VAL A 346 24.72 -7.55 -5.96
N THR A 347 25.64 -7.77 -5.04
CA THR A 347 26.16 -9.13 -4.87
C THR A 347 25.55 -9.91 -3.74
N ASP A 348 25.71 -11.23 -3.86
CA ASP A 348 25.27 -12.09 -2.77
C ASP A 348 25.88 -11.63 -1.47
N GLU A 349 27.18 -11.33 -1.50
CA GLU A 349 27.90 -10.94 -0.29
C GLU A 349 27.38 -9.59 0.29
N MET A 350 27.21 -8.57 -0.56
CA MET A 350 26.74 -7.24 -0.09
C MET A 350 25.34 -7.44 0.54
N LEU A 351 24.46 -8.20 -0.07
CA LEU A 351 23.10 -8.39 0.46
C LEU A 351 23.11 -9.20 1.76
N THR A 352 23.95 -10.25 1.81
CA THR A 352 24.03 -11.06 2.99
C THR A 352 24.43 -10.22 4.18
N ALA A 353 25.35 -9.27 3.97
CA ALA A 353 25.84 -8.45 5.05
C ALA A 353 24.75 -7.52 5.59
N LEU A 354 23.89 -7.05 4.70
CA LEU A 354 22.77 -6.22 5.15
C LEU A 354 21.78 -7.02 6.00
N PHE A 355 21.42 -8.17 5.50
CA PHE A 355 20.46 -8.99 6.24
C PHE A 355 21.04 -9.39 7.61
N ARG A 356 22.33 -9.72 7.68
CA ARG A 356 22.90 -10.09 8.97
C ARG A 356 22.95 -8.95 9.96
N ARG A 357 22.80 -7.70 9.49
CA ARG A 357 22.71 -6.57 10.39
C ARG A 357 21.32 -6.28 10.97
N ILE A 358 20.28 -6.92 10.44
CA ILE A 358 18.88 -6.73 10.79
C ILE A 358 18.52 -7.74 11.89
#